data_7YY1
#
_entry.id   7YY1
#
_cell.length_a   75.651
_cell.length_b   125.475
_cell.length_c   118.690
_cell.angle_alpha   90.000
_cell.angle_beta   90.000
_cell.angle_gamma   90.000
#
_symmetry.space_group_name_H-M   'C 2 2 21'
#
loop_
_entity.id
_entity.type
_entity.pdbx_description
1 polymer 'Phosphopantetheine adenylyltransferase'
2 non-polymer "4'-PHOSPHOPANTETHEINE"
3 non-polymer 'DIPHOSPHOMETHYLPHOSPHONIC ACID ADENOSYL ESTER'
4 water water
#
_entity_poly.entity_id   1
_entity_poly.type   'polypeptide(L)'
_entity_poly.pdbx_seq_one_letter_code
;SMTGAVCPGSFDPVTLGHLDVFERAAAQFDEVIVAVLINPNKAGMFTVDERIEMIRESTADLPNLRVESGQGLLVDFVRE
RGLNAIVKGLRTGTDFEYELQMAQMNKHIAGVDTFFVATAPAYSFVSSSLAKEVATYGGDVSALLPASVHQRLLGKLRGQ
AQ
;
_entity_poly.pdbx_strand_id   A,B,C
#
# COMPACT_ATOMS: atom_id res chain seq x y z
N MET A 2 -15.77 15.48 31.01
CA MET A 2 -15.39 14.15 31.48
C MET A 2 -15.06 13.20 30.33
N THR A 3 -15.97 13.06 29.36
CA THR A 3 -15.68 12.18 28.22
C THR A 3 -14.90 12.96 27.19
N GLY A 4 -14.02 12.28 26.46
CA GLY A 4 -13.24 12.96 25.45
C GLY A 4 -12.54 12.03 24.49
N ALA A 5 -12.14 12.60 23.34
CA ALA A 5 -11.44 11.82 22.34
C ALA A 5 -10.38 12.67 21.65
N VAL A 6 -9.37 11.98 21.12
CA VAL A 6 -8.35 12.63 20.30
C VAL A 6 -8.55 12.24 18.84
N CYS A 7 -8.55 13.23 17.94
CA CYS A 7 -8.60 12.98 16.48
CA CYS A 7 -8.60 12.97 16.51
C CYS A 7 -7.24 13.25 15.86
N PRO A 8 -6.49 12.18 15.52
CA PRO A 8 -5.10 12.38 15.08
C PRO A 8 -4.96 12.41 13.57
N GLY A 9 -3.86 13.01 13.10
CA GLY A 9 -3.58 13.00 11.69
C GLY A 9 -2.44 13.93 11.40
N SER A 10 -1.96 13.92 10.16
CA SER A 10 -0.94 14.88 9.78
CA SER A 10 -0.95 14.87 9.73
C SER A 10 -1.60 16.18 9.35
N PHE A 11 -2.84 16.10 8.82
CA PHE A 11 -3.63 17.26 8.41
C PHE A 11 -2.80 18.28 7.60
N ASP A 12 -2.26 17.80 6.49
CA ASP A 12 -1.30 18.56 5.68
C ASP A 12 -1.81 18.70 4.22
N PRO A 13 -2.91 19.42 4.01
CA PRO A 13 -3.78 20.16 4.91
C PRO A 13 -5.01 19.40 5.37
N VAL A 14 -5.70 19.93 6.37
CA VAL A 14 -7.04 19.46 6.72
C VAL A 14 -7.98 19.55 5.51
N THR A 15 -8.84 18.55 5.36
CA THR A 15 -9.83 18.53 4.30
C THR A 15 -11.25 18.61 4.88
N LEU A 16 -12.25 18.72 4.00
CA LEU A 16 -13.63 18.71 4.45
C LEU A 16 -13.99 17.33 5.02
N GLY A 17 -13.32 16.29 4.53
CA GLY A 17 -13.49 14.95 5.08
C GLY A 17 -13.08 14.90 6.55
N HIS A 18 -11.92 15.47 6.87
CA HIS A 18 -11.51 15.60 8.27
C HIS A 18 -12.47 16.42 9.12
N LEU A 19 -12.89 17.56 8.60
CA LEU A 19 -13.75 18.46 9.37
C LEU A 19 -15.06 17.80 9.71
N ASP A 20 -15.56 16.98 8.77
CA ASP A 20 -16.76 16.22 9.02
C ASP A 20 -16.55 15.28 10.22
N VAL A 21 -15.41 14.60 10.28
CA VAL A 21 -15.09 13.73 11.41
C VAL A 21 -14.97 14.55 12.71
N PHE A 22 -14.27 15.68 12.67
CA PHE A 22 -14.19 16.55 13.88
C PHE A 22 -15.56 16.92 14.44
N GLU A 23 -16.43 17.38 13.55
CA GLU A 23 -17.78 17.80 13.92
C GLU A 23 -18.55 16.65 14.55
N ARG A 24 -18.44 15.46 13.96
CA ARG A 24 -19.17 14.31 14.47
C ARG A 24 -18.61 13.83 15.82
N ALA A 25 -17.29 13.90 16.00
CA ALA A 25 -16.68 13.57 17.29
C ALA A 25 -17.10 14.58 18.34
N ALA A 26 -17.11 15.85 17.97
CA ALA A 26 -17.44 16.91 18.94
C ALA A 26 -18.90 16.84 19.36
N ALA A 27 -19.74 16.26 18.51
CA ALA A 27 -21.14 16.09 18.86
C ALA A 27 -21.36 14.96 19.85
N GLN A 28 -20.40 14.04 19.97
CA GLN A 28 -20.63 12.84 20.78
C GLN A 28 -19.78 12.73 22.05
N PHE A 29 -18.71 13.54 22.12
CA PHE A 29 -17.80 13.52 23.27
C PHE A 29 -17.79 14.89 23.93
N ASP A 30 -17.55 14.97 25.25
CA ASP A 30 -17.58 16.27 25.90
C ASP A 30 -16.47 17.19 25.38
N GLU A 31 -15.31 16.62 25.09
CA GLU A 31 -14.26 17.39 24.46
C GLU A 31 -13.55 16.60 23.37
N VAL A 32 -13.05 17.30 22.37
CA VAL A 32 -12.23 16.69 21.35
C VAL A 32 -10.92 17.45 21.22
N ILE A 33 -9.83 16.71 21.17
CA ILE A 33 -8.54 17.33 20.87
C ILE A 33 -8.07 16.81 19.52
N VAL A 34 -7.85 17.73 18.59
CA VAL A 34 -7.28 17.37 17.30
C VAL A 34 -5.76 17.33 17.47
N ALA A 35 -5.15 16.18 17.22
CA ALA A 35 -3.70 16.03 17.40
C ALA A 35 -3.03 16.09 16.04
N VAL A 36 -2.26 17.14 15.82
CA VAL A 36 -1.49 17.29 14.58
C VAL A 36 -0.14 16.64 14.81
N LEU A 37 0.01 15.41 14.32
CA LEU A 37 1.21 14.63 14.58
C LEU A 37 2.28 14.92 13.53
N ILE A 38 3.45 15.32 14.03
CA ILE A 38 4.57 15.79 13.21
C ILE A 38 5.72 14.80 13.23
N ASN A 39 6.25 14.45 12.05
CA ASN A 39 7.48 13.69 11.99
C ASN A 39 8.63 14.68 11.91
N PRO A 40 9.51 14.69 12.93
CA PRO A 40 10.54 15.74 12.99
C PRO A 40 11.61 15.57 11.92
N ASN A 41 11.55 14.47 11.18
CA ASN A 41 12.56 14.17 10.18
C ASN A 41 12.08 14.42 8.75
N LYS A 42 10.78 14.33 8.51
CA LYS A 42 10.25 14.64 7.19
C LYS A 42 9.28 15.81 7.27
N ALA A 43 9.59 16.86 6.52
CA ALA A 43 8.71 18.01 6.47
C ALA A 43 7.58 17.73 5.50
N GLY A 44 6.45 18.40 5.69
CA GLY A 44 5.35 18.29 4.76
C GLY A 44 5.20 19.62 4.06
N MET A 45 4.07 19.80 3.41
CA MET A 45 3.83 21.03 2.69
C MET A 45 3.65 22.24 3.61
N PHE A 46 2.94 22.04 4.73
CA PHE A 46 2.60 23.15 5.61
C PHE A 46 3.34 23.07 6.94
N THR A 47 3.66 24.23 7.50
CA THR A 47 4.31 24.25 8.82
C THR A 47 3.27 23.87 9.88
N VAL A 48 3.74 23.58 11.08
CA VAL A 48 2.80 23.24 12.17
C VAL A 48 1.87 24.43 12.42
N ASP A 49 2.42 25.64 12.44
CA ASP A 49 1.58 26.81 12.66
C ASP A 49 0.48 26.89 11.61
N GLU A 50 0.84 26.66 10.35
CA GLU A 50 -0.12 26.73 9.26
C GLU A 50 -1.18 25.64 9.42
N ARG A 51 -0.76 24.43 9.75
CA ARG A 51 -1.73 23.33 9.91
C ARG A 51 -2.72 23.62 11.01
N ILE A 52 -2.23 24.13 12.15
CA ILE A 52 -3.11 24.43 13.27
C ILE A 52 -4.07 25.56 12.96
N GLU A 53 -3.55 26.63 12.36
CA GLU A 53 -4.38 27.77 11.96
C GLU A 53 -5.49 27.35 10.97
N MET A 54 -5.18 26.49 10.01
CA MET A 54 -6.20 26.10 9.05
C MET A 54 -7.32 25.31 9.71
N ILE A 55 -6.97 24.50 10.72
CA ILE A 55 -7.99 23.73 11.43
C ILE A 55 -8.79 24.63 12.36
N ARG A 56 -8.11 25.50 13.11
CA ARG A 56 -8.85 26.41 13.99
C ARG A 56 -9.83 27.31 13.23
N GLU A 57 -9.42 27.79 12.06
CA GLU A 57 -10.25 28.70 11.30
C GLU A 57 -11.54 28.03 10.83
N SER A 58 -11.49 26.72 10.63
CA SER A 58 -12.68 26.02 10.12
C SER A 58 -13.43 25.22 11.20
N THR A 59 -13.00 25.32 12.45
CA THR A 59 -13.70 24.68 13.57
C THR A 59 -14.15 25.68 14.63
N ALA A 60 -14.22 26.96 14.27
CA ALA A 60 -14.54 28.00 15.24
C ALA A 60 -15.91 27.80 15.88
N ASP A 61 -16.80 27.11 15.16
CA ASP A 61 -18.16 26.86 15.65
C ASP A 61 -18.25 25.63 16.55
N LEU A 62 -17.12 25.02 16.87
CA LEU A 62 -17.13 23.85 17.75
C LEU A 62 -16.48 24.21 19.09
N PRO A 63 -17.29 24.58 20.08
CA PRO A 63 -16.79 25.14 21.34
C PRO A 63 -15.99 24.15 22.18
N ASN A 64 -16.18 22.85 21.95
CA ASN A 64 -15.53 21.84 22.77
C ASN A 64 -14.38 21.13 22.05
N LEU A 65 -13.84 21.78 21.03
CA LEU A 65 -12.70 21.24 20.28
C LEU A 65 -11.47 22.13 20.38
N ARG A 66 -10.33 21.51 20.68
CA ARG A 66 -9.06 22.22 20.67
C ARG A 66 -8.05 21.51 19.77
N VAL A 67 -7.01 22.24 19.39
CA VAL A 67 -6.02 21.76 18.44
C VAL A 67 -4.63 21.83 19.04
N GLU A 68 -3.88 20.74 18.95
CA GLU A 68 -2.50 20.69 19.47
C GLU A 68 -1.63 19.84 18.60
N SER A 69 -0.36 20.18 18.48
CA SER A 69 0.54 19.28 17.79
C SER A 69 1.23 18.34 18.76
N GLY A 70 1.83 17.29 18.21
CA GLY A 70 2.54 16.30 19.01
C GLY A 70 3.44 15.45 18.14
N GLN A 71 4.17 14.55 18.77
CA GLN A 71 4.97 13.57 18.02
C GLN A 71 5.22 12.33 18.89
N GLY A 72 5.82 11.31 18.32
CA GLY A 72 6.06 10.09 19.07
C GLY A 72 4.79 9.27 19.09
N LEU A 73 4.64 8.41 20.09
CA LEU A 73 3.47 7.53 20.20
C LEU A 73 2.17 8.29 20.45
N LEU A 74 1.16 8.02 19.62
CA LEU A 74 -0.15 8.63 19.80
C LEU A 74 -0.72 8.31 21.17
N VAL A 75 -0.54 7.08 21.65
CA VAL A 75 -1.19 6.70 22.90
C VAL A 75 -0.62 7.50 24.08
N ASP A 76 0.64 7.91 24.00
CA ASP A 76 1.19 8.77 25.05
C ASP A 76 0.56 10.16 25.03
N PHE A 77 0.40 10.73 23.85
CA PHE A 77 -0.34 11.99 23.68
C PHE A 77 -1.74 11.90 24.31
N VAL A 78 -2.44 10.80 24.03
CA VAL A 78 -3.78 10.61 24.54
C VAL A 78 -3.79 10.48 26.08
N ARG A 79 -2.96 9.58 26.60
CA ARG A 79 -2.97 9.29 28.06
C ARG A 79 -2.48 10.48 28.87
N GLU A 80 -1.50 11.20 28.35
CA GLU A 80 -0.95 12.38 29.06
C GLU A 80 -2.04 13.38 29.37
N ARG A 81 -3.03 13.44 28.48
CA ARG A 81 -4.14 14.37 28.62
C ARG A 81 -5.32 13.77 29.40
N GLY A 82 -5.11 12.60 29.99
CA GLY A 82 -6.14 11.95 30.80
C GLY A 82 -7.29 11.34 30.02
N LEU A 83 -7.08 11.17 28.71
CA LEU A 83 -8.08 10.55 27.85
C LEU A 83 -7.71 9.12 27.53
N ASN A 84 -8.64 8.43 26.85
CA ASN A 84 -8.48 7.03 26.62
C ASN A 84 -9.12 6.56 25.32
N ALA A 85 -9.41 7.52 24.43
CA ALA A 85 -10.12 7.24 23.16
C ALA A 85 -9.51 8.03 22.00
N ILE A 86 -9.45 7.38 20.84
CA ILE A 86 -9.03 7.93 19.57
C ILE A 86 -10.24 7.87 18.68
N VAL A 87 -10.49 8.90 17.88
CA VAL A 87 -11.55 8.81 16.86
C VAL A 87 -10.93 9.06 15.50
N LYS A 88 -11.24 8.18 14.54
CA LYS A 88 -10.64 8.22 13.21
C LYS A 88 -11.72 7.97 12.17
N GLY A 89 -11.66 8.68 11.05
CA GLY A 89 -12.55 8.35 9.93
C GLY A 89 -11.98 7.21 9.09
N LEU A 90 -12.88 6.41 8.49
CA LEU A 90 -12.47 5.36 7.55
C LEU A 90 -13.25 5.50 6.26
N ARG A 91 -12.59 5.28 5.13
CA ARG A 91 -13.29 5.31 3.84
C ARG A 91 -13.57 3.90 3.31
N THR A 92 -12.61 2.99 3.46
CA THR A 92 -12.65 1.70 2.78
C THR A 92 -12.41 0.50 3.68
N GLY A 93 -12.76 -0.68 3.18
CA GLY A 93 -12.43 -1.92 3.87
C GLY A 93 -10.93 -2.08 4.00
N THR A 94 -10.19 -1.66 2.97
CA THR A 94 -8.73 -1.67 3.02
C THR A 94 -8.22 -0.85 4.21
N ASP A 95 -8.77 0.36 4.37
CA ASP A 95 -8.45 1.23 5.50
C ASP A 95 -8.74 0.51 6.79
N PHE A 96 -9.90 -0.12 6.86
CA PHE A 96 -10.27 -0.78 8.12
C PHE A 96 -9.25 -1.86 8.50
N GLU A 97 -8.86 -2.69 7.53
CA GLU A 97 -7.91 -3.79 7.84
C GLU A 97 -6.59 -3.24 8.37
N TYR A 98 -6.12 -2.13 7.81
CA TYR A 98 -4.84 -1.53 8.25
C TYR A 98 -5.02 -0.88 9.63
N GLU A 99 -6.11 -0.15 9.81
CA GLU A 99 -6.33 0.56 11.08
C GLU A 99 -6.67 -0.39 12.21
N LEU A 100 -7.27 -1.53 11.88
CA LEU A 100 -7.57 -2.56 12.90
C LEU A 100 -6.30 -2.96 13.64
N GLN A 101 -5.24 -3.26 12.88
CA GLN A 101 -3.95 -3.60 13.44
C GLN A 101 -3.44 -2.50 14.38
N MET A 102 -3.50 -1.25 13.92
CA MET A 102 -3.01 -0.16 14.76
C MET A 102 -3.87 0.00 16.01
N ALA A 103 -5.18 -0.15 15.88
CA ALA A 103 -6.06 0.03 17.04
C ALA A 103 -5.83 -1.08 18.07
N GLN A 104 -5.63 -2.31 17.60
CA GLN A 104 -5.39 -3.43 18.50
C GLN A 104 -4.04 -3.28 19.20
N MET A 105 -3.03 -2.84 18.45
CA MET A 105 -1.74 -2.54 19.09
C MET A 105 -1.86 -1.45 20.15
N ASN A 106 -2.56 -0.37 19.82
CA ASN A 106 -2.73 0.77 20.74
C ASN A 106 -3.47 0.38 21.99
N LYS A 107 -4.48 -0.48 21.86
CA LYS A 107 -5.17 -0.98 23.03
C LYS A 107 -4.25 -1.89 23.85
N HIS A 108 -3.47 -2.73 23.18
CA HIS A 108 -2.55 -3.66 23.83
C HIS A 108 -1.50 -2.94 24.68
N ILE A 109 -0.86 -1.93 24.12
CA ILE A 109 0.30 -1.33 24.81
C ILE A 109 -0.13 -0.30 25.85
N ALA A 110 -1.32 0.27 25.71
CA ALA A 110 -1.70 1.40 26.56
C ALA A 110 -3.16 1.46 27.04
N GLY A 111 -3.98 0.51 26.61
CA GLY A 111 -5.37 0.50 27.03
C GLY A 111 -6.21 1.60 26.39
N VAL A 112 -5.69 2.19 25.32
CA VAL A 112 -6.40 3.26 24.62
C VAL A 112 -7.29 2.65 23.54
N ASP A 113 -8.55 3.06 23.54
CA ASP A 113 -9.57 2.54 22.60
CA ASP A 113 -9.49 2.50 22.55
C ASP A 113 -9.58 3.37 21.32
N THR A 114 -10.08 2.78 20.22
CA THR A 114 -10.24 3.56 18.99
C THR A 114 -11.67 3.40 18.48
N PHE A 115 -12.31 4.54 18.17
CA PHE A 115 -13.63 4.54 17.57
C PHE A 115 -13.52 5.05 16.16
N PHE A 116 -14.05 4.28 15.22
CA PHE A 116 -14.01 4.67 13.80
C PHE A 116 -15.37 5.18 13.34
N VAL A 117 -15.34 6.11 12.40
CA VAL A 117 -16.60 6.61 11.80
C VAL A 117 -16.47 6.51 10.29
N ALA A 118 -17.58 6.14 9.67
CA ALA A 118 -17.56 6.07 8.22
C ALA A 118 -17.50 7.45 7.63
N THR A 119 -16.71 7.61 6.57
CA THR A 119 -16.66 8.85 5.82
C THR A 119 -18.06 9.33 5.40
N ALA A 120 -18.27 10.64 5.31
CA ALA A 120 -19.48 11.16 4.67
C ALA A 120 -19.39 10.75 3.20
N PRO A 121 -20.51 10.31 2.63
CA PRO A 121 -20.50 9.92 1.20
C PRO A 121 -19.86 10.98 0.29
N ALA A 122 -20.17 12.26 0.51
CA ALA A 122 -19.70 13.33 -0.38
C ALA A 122 -18.18 13.45 -0.41
N TYR A 123 -17.52 13.02 0.65
CA TYR A 123 -16.08 13.22 0.78
C TYR A 123 -15.33 11.91 0.74
N SER A 124 -15.98 10.85 0.29
CA SER A 124 -15.40 9.52 0.34
C SER A 124 -14.09 9.40 -0.45
N PHE A 125 -13.88 10.28 -1.43
CA PHE A 125 -12.69 10.15 -2.29
C PHE A 125 -11.67 11.24 -1.97
N VAL A 126 -11.91 12.01 -0.93
CA VAL A 126 -11.01 13.12 -0.58
C VAL A 126 -9.91 12.66 0.39
N SER A 127 -8.68 12.99 0.05
CA SER A 127 -7.52 12.74 0.93
C SER A 127 -6.59 13.95 0.79
N SER A 128 -5.86 14.27 1.83
CA SER A 128 -4.90 15.37 1.70
C SER A 128 -3.94 15.12 0.56
N SER A 129 -3.41 13.90 0.47
CA SER A 129 -2.40 13.63 -0.55
CA SER A 129 -2.41 13.60 -0.55
C SER A 129 -2.98 13.75 -1.96
N LEU A 130 -4.18 13.25 -2.18
CA LEU A 130 -4.73 13.31 -3.53
C LEU A 130 -5.11 14.74 -3.90
N ALA A 131 -5.65 15.46 -2.93
CA ALA A 131 -5.99 16.87 -3.15
C ALA A 131 -4.73 17.68 -3.48
N LYS A 132 -3.63 17.43 -2.79
CA LYS A 132 -2.38 18.13 -3.11
C LYS A 132 -1.91 17.78 -4.52
N GLU A 133 -1.95 16.49 -4.86
CA GLU A 133 -1.51 16.05 -6.19
C GLU A 133 -2.35 16.67 -7.30
N VAL A 134 -3.67 16.64 -7.15
CA VAL A 134 -4.55 17.22 -8.16
C VAL A 134 -4.31 18.73 -8.30
N ALA A 135 -4.16 19.40 -7.16
CA ALA A 135 -3.92 20.83 -7.17
C ALA A 135 -2.59 21.18 -7.82
N THR A 136 -1.59 20.30 -7.65
CA THR A 136 -0.25 20.53 -8.18
C THR A 136 -0.30 20.63 -9.68
N TYR A 137 -1.22 19.88 -10.30
CA TYR A 137 -1.33 19.84 -11.76
C TYR A 137 -2.49 20.68 -12.28
N GLY A 138 -3.03 21.55 -11.43
CA GLY A 138 -4.02 22.52 -11.86
C GLY A 138 -5.48 22.10 -11.74
N GLY A 139 -5.75 20.96 -11.13
CA GLY A 139 -7.12 20.51 -10.94
C GLY A 139 -7.87 21.30 -9.89
N ASP A 140 -9.19 21.39 -10.04
CA ASP A 140 -10.03 22.19 -9.17
C ASP A 140 -10.46 21.43 -7.91
N VAL A 141 -9.86 21.76 -6.77
CA VAL A 141 -10.18 21.06 -5.52
C VAL A 141 -10.95 21.92 -4.52
N SER A 142 -11.52 23.03 -5.00
CA SER A 142 -12.20 24.00 -4.15
C SER A 142 -13.32 23.44 -3.27
N ALA A 143 -14.08 22.49 -3.80
CA ALA A 143 -15.24 21.99 -3.08
C ALA A 143 -14.84 20.89 -2.12
N LEU A 144 -13.54 20.63 -2.01
CA LEU A 144 -13.06 19.51 -1.20
C LEU A 144 -12.33 19.96 0.05
N LEU A 145 -12.01 21.24 0.07
CA LEU A 145 -11.21 21.83 1.15
C LEU A 145 -11.94 23.00 1.77
N PRO A 146 -11.76 23.20 3.08
CA PRO A 146 -12.36 24.41 3.68
C PRO A 146 -11.74 25.68 3.13
N ALA A 147 -12.46 26.79 3.25
CA ALA A 147 -11.96 28.07 2.75
C ALA A 147 -10.62 28.43 3.40
N SER A 148 -10.41 27.99 4.64
CA SER A 148 -9.16 28.32 5.35
C SER A 148 -7.93 27.67 4.70
N VAL A 149 -8.17 26.78 3.75
CA VAL A 149 -7.12 25.95 3.17
C VAL A 149 -6.82 26.25 1.72
N HIS A 150 -7.88 26.41 0.93
CA HIS A 150 -7.77 26.48 -0.55
C HIS A 150 -6.73 27.48 -1.04
N GLN A 151 -6.83 28.73 -0.63
CA GLN A 151 -5.89 29.74 -1.19
C GLN A 151 -4.51 29.58 -0.57
N ARG A 152 -4.41 29.10 0.66
CA ARG A 152 -3.07 28.84 1.25
C ARG A 152 -2.39 27.73 0.43
N LEU A 153 -3.13 26.72 -0.01
CA LEU A 153 -2.56 25.61 -0.80
C LEU A 153 -2.08 26.14 -2.16
N LEU A 154 -2.90 26.90 -2.85
CA LEU A 154 -2.54 27.35 -4.20
C LEU A 154 -1.34 28.31 -4.11
N GLY A 155 -1.25 29.02 -3.00
CA GLY A 155 -0.10 29.86 -2.68
C GLY A 155 1.19 29.07 -2.55
N LYS A 156 1.17 28.01 -1.75
CA LYS A 156 2.33 27.14 -1.66
C LYS A 156 2.74 26.63 -3.03
N LEU A 157 1.76 26.19 -3.81
CA LEU A 157 2.05 25.55 -5.08
C LEU A 157 2.73 26.51 -6.06
N ARG A 158 2.45 27.80 -5.92
CA ARG A 158 3.07 28.80 -6.77
C ARG A 158 4.26 29.50 -6.13
N MET B 2 -19.32 9.94 -31.88
CA MET B 2 -18.00 9.35 -31.93
C MET B 2 -17.52 8.99 -30.53
N THR B 3 -17.55 7.70 -30.20
CA THR B 3 -17.22 7.26 -28.85
C THR B 3 -15.72 7.02 -28.70
N GLY B 4 -15.22 7.08 -27.47
CA GLY B 4 -13.80 6.90 -27.26
C GLY B 4 -13.40 6.85 -25.81
N ALA B 5 -12.22 6.29 -25.56
CA ALA B 5 -11.69 6.27 -24.20
C ALA B 5 -10.17 6.26 -24.17
N VAL B 6 -9.62 6.69 -23.04
CA VAL B 6 -8.20 6.73 -22.84
C VAL B 6 -7.79 5.65 -21.84
N CYS B 7 -6.77 4.88 -22.19
CA CYS B 7 -6.22 3.87 -21.32
CA CYS B 7 -6.21 3.86 -21.31
C CYS B 7 -4.85 4.31 -20.80
N PRO B 8 -4.79 4.83 -19.55
CA PRO B 8 -3.56 5.38 -18.97
C PRO B 8 -2.68 4.34 -18.29
N GLY B 9 -1.39 4.65 -18.18
CA GLY B 9 -0.47 3.76 -17.47
C GLY B 9 0.98 4.10 -17.74
N SER B 10 1.89 3.46 -17.01
CA SER B 10 3.33 3.68 -17.30
C SER B 10 3.79 2.65 -18.31
N PHE B 11 3.16 1.49 -18.33
CA PHE B 11 3.45 0.36 -19.26
C PHE B 11 4.94 0.18 -19.43
N ASP B 12 5.61 -0.22 -18.36
CA ASP B 12 7.06 -0.31 -18.37
C ASP B 12 7.56 -1.69 -17.96
N PRO B 13 7.40 -2.70 -18.83
CA PRO B 13 6.82 -2.71 -20.18
C PRO B 13 5.35 -3.10 -20.19
N VAL B 14 4.70 -2.90 -21.33
CA VAL B 14 3.36 -3.45 -21.55
C VAL B 14 3.35 -4.97 -21.32
N THR B 15 2.30 -5.46 -20.66
CA THR B 15 2.16 -6.90 -20.49
C THR B 15 0.95 -7.44 -21.24
N LEU B 16 0.79 -8.76 -21.22
CA LEU B 16 -0.39 -9.37 -21.85
C LEU B 16 -1.66 -9.01 -21.09
N GLY B 17 -1.55 -8.73 -19.79
CA GLY B 17 -2.69 -8.21 -19.06
C GLY B 17 -3.17 -6.88 -19.59
N HIS B 18 -2.22 -5.97 -19.85
CA HIS B 18 -2.54 -4.69 -20.47
C HIS B 18 -3.14 -4.87 -21.85
N LEU B 19 -2.51 -5.75 -22.62
CA LEU B 19 -2.93 -5.98 -24.01
C LEU B 19 -4.37 -6.45 -24.06
N ASP B 20 -4.73 -7.31 -23.11
CA ASP B 20 -6.08 -7.82 -23.05
C ASP B 20 -7.08 -6.69 -22.79
N VAL B 21 -6.73 -5.76 -21.91
CA VAL B 21 -7.57 -4.59 -21.69
C VAL B 21 -7.69 -3.72 -22.96
N PHE B 22 -6.57 -3.46 -23.63
CA PHE B 22 -6.57 -2.68 -24.86
C PHE B 22 -7.53 -3.26 -25.91
N GLU B 23 -7.44 -4.56 -26.10
CA GLU B 23 -8.28 -5.27 -27.06
C GLU B 23 -9.75 -5.14 -26.72
N ARG B 24 -10.04 -5.21 -25.44
CA ARG B 24 -11.42 -5.18 -25.02
C ARG B 24 -12.00 -3.76 -25.12
N ALA B 25 -11.20 -2.75 -24.82
CA ALA B 25 -11.64 -1.37 -24.99
C ALA B 25 -11.82 -1.04 -26.48
N ALA B 26 -10.90 -1.52 -27.30
CA ALA B 26 -10.96 -1.21 -28.74
C ALA B 26 -12.16 -1.89 -29.40
N ALA B 27 -12.64 -2.98 -28.80
CA ALA B 27 -13.83 -3.66 -29.34
C ALA B 27 -15.14 -2.92 -29.05
N GLN B 28 -15.12 -1.98 -28.11
CA GLN B 28 -16.36 -1.33 -27.66
C GLN B 28 -16.42 0.18 -27.88
N PHE B 29 -15.29 0.78 -28.24
CA PHE B 29 -15.23 2.23 -28.43
C PHE B 29 -14.72 2.54 -29.83
N ASP B 30 -15.20 3.64 -30.42
CA ASP B 30 -14.81 3.95 -31.78
C ASP B 30 -13.32 4.23 -31.86
N GLU B 31 -12.77 4.82 -30.80
CA GLU B 31 -11.33 5.00 -30.72
C GLU B 31 -10.80 4.82 -29.30
N VAL B 32 -9.59 4.30 -29.22
CA VAL B 32 -8.89 4.18 -27.94
C VAL B 32 -7.53 4.85 -28.03
N ILE B 33 -7.20 5.64 -27.01
CA ILE B 33 -5.89 6.26 -26.92
C ILE B 33 -5.17 5.68 -25.72
N VAL B 34 -4.03 5.03 -25.94
CA VAL B 34 -3.22 4.55 -24.84
C VAL B 34 -2.30 5.69 -24.45
N ALA B 35 -2.34 6.09 -23.17
CA ALA B 35 -1.57 7.23 -22.69
C ALA B 35 -0.43 6.72 -21.84
N VAL B 36 0.80 6.92 -22.32
CA VAL B 36 2.00 6.43 -21.66
C VAL B 36 2.50 7.56 -20.80
N LEU B 37 2.31 7.41 -19.49
CA LEU B 37 2.47 8.54 -18.60
C LEU B 37 3.85 8.53 -17.99
N ILE B 38 4.53 9.66 -18.10
CA ILE B 38 5.91 9.77 -17.64
C ILE B 38 5.98 10.44 -16.28
N ASN B 39 6.63 9.77 -15.34
CA ASN B 39 6.98 10.38 -14.06
C ASN B 39 8.47 10.66 -14.03
N PRO B 40 8.86 11.94 -13.88
CA PRO B 40 10.27 12.31 -13.90
C PRO B 40 11.01 11.87 -12.64
N ASN B 41 10.24 11.46 -11.63
CA ASN B 41 10.81 10.86 -10.43
C ASN B 41 11.31 9.45 -10.71
N LYS B 42 10.37 8.55 -11.00
CA LYS B 42 10.70 7.15 -11.25
C LYS B 42 10.98 6.88 -12.72
N ALA B 43 12.24 7.04 -13.12
CA ALA B 43 12.66 6.63 -14.45
C ALA B 43 12.79 5.11 -14.46
N GLY B 44 11.87 4.46 -15.16
CA GLY B 44 11.81 3.01 -15.17
C GLY B 44 12.91 2.36 -15.99
N MET B 45 12.55 1.24 -16.61
CA MET B 45 13.51 0.43 -17.35
C MET B 45 13.59 0.90 -18.80
N PHE B 46 12.43 1.16 -19.40
CA PHE B 46 12.36 1.56 -20.79
C PHE B 46 12.04 3.04 -20.93
N THR B 47 12.62 3.70 -21.93
CA THR B 47 12.25 5.09 -22.21
C THR B 47 10.79 5.17 -22.67
N VAL B 48 10.22 6.37 -22.65
CA VAL B 48 8.84 6.57 -23.12
C VAL B 48 8.69 6.12 -24.59
N ASP B 49 9.67 6.45 -25.43
CA ASP B 49 9.59 6.02 -26.83
C ASP B 49 9.67 4.51 -27.00
N GLU B 50 10.51 3.87 -26.19
CA GLU B 50 10.64 2.40 -26.25
C GLU B 50 9.29 1.77 -25.84
N ARG B 51 8.67 2.33 -24.81
CA ARG B 51 7.37 1.79 -24.32
C ARG B 51 6.30 1.99 -25.39
N ILE B 52 6.25 3.15 -26.01
CA ILE B 52 5.25 3.44 -27.07
C ILE B 52 5.44 2.46 -28.24
N GLU B 53 6.69 2.22 -28.60
CA GLU B 53 6.99 1.29 -29.70
C GLU B 53 6.55 -0.13 -29.32
N MET B 54 6.79 -0.54 -28.09
CA MET B 54 6.38 -1.89 -27.73
C MET B 54 4.85 -2.01 -27.74
N ILE B 55 4.15 -0.94 -27.34
CA ILE B 55 2.69 -0.98 -27.33
C ILE B 55 2.15 -0.99 -28.77
N ARG B 56 2.71 -0.16 -29.63
CA ARG B 56 2.27 -0.15 -31.04
C ARG B 56 2.45 -1.50 -31.72
N GLU B 57 3.59 -2.15 -31.50
CA GLU B 57 3.82 -3.46 -32.08
C GLU B 57 2.82 -4.49 -31.56
N SER B 58 2.54 -4.45 -30.25
CA SER B 58 1.61 -5.40 -29.64
C SER B 58 0.16 -5.17 -30.02
N THR B 59 -0.17 -3.94 -30.42
CA THR B 59 -1.55 -3.61 -30.79
C THR B 59 -1.73 -3.45 -32.30
N ALA B 60 -0.82 -4.06 -33.05
CA ALA B 60 -0.81 -3.85 -34.51
C ALA B 60 -2.15 -4.16 -35.15
N ASP B 61 -2.90 -5.13 -34.61
CA ASP B 61 -4.16 -5.50 -35.25
C ASP B 61 -5.39 -4.77 -34.71
N LEU B 62 -5.16 -3.71 -33.94
CA LEU B 62 -6.23 -2.85 -33.44
C LEU B 62 -6.19 -1.51 -34.15
N PRO B 63 -6.96 -1.38 -35.25
CA PRO B 63 -6.81 -0.20 -36.10
C PRO B 63 -7.32 1.10 -35.49
N ASN B 64 -8.18 0.99 -34.47
CA ASN B 64 -8.74 2.17 -33.86
C ASN B 64 -8.04 2.54 -32.55
N LEU B 65 -6.86 2.00 -32.34
CA LEU B 65 -6.07 2.30 -31.13
C LEU B 65 -4.83 3.09 -31.50
N ARG B 66 -4.61 4.21 -30.81
CA ARG B 66 -3.37 4.93 -30.99
C ARG B 66 -2.69 5.13 -29.67
N VAL B 67 -1.40 5.43 -29.73
CA VAL B 67 -0.57 5.46 -28.53
C VAL B 67 0.13 6.80 -28.49
N GLU B 68 0.07 7.51 -27.37
CA GLU B 68 0.81 8.75 -27.19
C GLU B 68 1.36 8.87 -25.78
N SER B 69 2.40 9.67 -25.63
CA SER B 69 2.86 10.02 -24.28
C SER B 69 2.01 11.14 -23.72
N GLY B 70 1.97 11.22 -22.39
CA GLY B 70 1.24 12.31 -21.77
C GLY B 70 1.92 12.70 -20.49
N GLN B 71 1.64 13.91 -20.03
CA GLN B 71 2.12 14.41 -18.75
C GLN B 71 1.03 15.25 -18.12
N GLY B 72 1.20 15.59 -16.86
CA GLY B 72 0.24 16.48 -16.22
C GLY B 72 -1.02 15.76 -15.80
N LEU B 73 -2.10 16.52 -15.69
CA LEU B 73 -3.36 16.01 -15.18
C LEU B 73 -3.99 15.09 -16.22
N LEU B 74 -4.24 13.84 -15.86
CA LEU B 74 -4.88 12.90 -16.80
C LEU B 74 -6.19 13.45 -17.38
N VAL B 75 -7.04 14.07 -16.56
CA VAL B 75 -8.32 14.50 -17.10
C VAL B 75 -8.16 15.62 -18.15
N ASP B 76 -7.08 16.40 -18.05
CA ASP B 76 -6.80 17.39 -19.08
C ASP B 76 -6.41 16.71 -20.38
N PHE B 77 -5.56 15.70 -20.28
CA PHE B 77 -5.16 14.90 -21.46
C PHE B 77 -6.42 14.37 -22.16
N VAL B 78 -7.29 13.75 -21.38
CA VAL B 78 -8.53 13.18 -21.95
C VAL B 78 -9.39 14.27 -22.62
N ARG B 79 -9.65 15.37 -21.94
CA ARG B 79 -10.54 16.41 -22.49
C ARG B 79 -9.89 17.12 -23.69
N GLU B 80 -8.59 17.28 -23.65
CA GLU B 80 -7.90 17.91 -24.77
C GLU B 80 -8.12 17.16 -26.08
N ARG B 81 -8.44 15.88 -25.97
CA ARG B 81 -8.61 15.06 -27.17
C ARG B 81 -10.09 14.80 -27.46
N GLY B 82 -10.94 15.62 -26.85
CA GLY B 82 -12.36 15.60 -27.09
C GLY B 82 -13.09 14.41 -26.47
N LEU B 83 -12.43 13.71 -25.55
CA LEU B 83 -13.04 12.51 -24.95
C LEU B 83 -13.39 12.79 -23.49
N ASN B 84 -14.12 11.88 -22.86
CA ASN B 84 -14.43 12.06 -21.41
C ASN B 84 -14.62 10.70 -20.74
N ALA B 85 -13.87 9.71 -21.17
CA ALA B 85 -13.88 8.37 -20.56
C ALA B 85 -12.46 7.84 -20.45
N ILE B 86 -12.18 7.20 -19.32
CA ILE B 86 -10.92 6.49 -19.02
C ILE B 86 -11.28 5.00 -18.90
N VAL B 87 -10.46 4.11 -19.45
CA VAL B 87 -10.69 2.66 -19.27
C VAL B 87 -9.48 2.06 -18.55
N LYS B 88 -9.72 1.31 -17.49
CA LYS B 88 -8.62 0.70 -16.73
C LYS B 88 -8.95 -0.75 -16.35
N GLY B 89 -7.95 -1.61 -16.35
CA GLY B 89 -8.13 -2.97 -15.88
C GLY B 89 -8.02 -3.01 -14.35
N LEU B 90 -8.74 -3.93 -13.73
CA LEU B 90 -8.63 -4.20 -12.29
C LEU B 90 -8.39 -5.68 -12.03
N ARG B 91 -7.53 -5.98 -11.05
CA ARG B 91 -7.29 -7.37 -10.67
C ARG B 91 -7.99 -7.76 -9.37
N THR B 92 -8.00 -6.86 -8.41
CA THR B 92 -8.47 -7.20 -7.06
C THR B 92 -9.44 -6.18 -6.47
N GLY B 93 -10.11 -6.57 -5.40
CA GLY B 93 -10.98 -5.64 -4.67
C GLY B 93 -10.15 -4.50 -4.12
N THR B 94 -8.93 -4.80 -3.73
CA THR B 94 -8.02 -3.76 -3.21
C THR B 94 -7.80 -2.73 -4.32
N ASP B 95 -7.52 -3.21 -5.52
CA ASP B 95 -7.33 -2.30 -6.67
C ASP B 95 -8.59 -1.46 -6.83
N PHE B 96 -9.74 -2.09 -6.76
CA PHE B 96 -11.00 -1.35 -6.97
C PHE B 96 -11.13 -0.22 -5.94
N GLU B 97 -10.86 -0.52 -4.67
CA GLU B 97 -11.06 0.49 -3.58
C GLU B 97 -10.15 1.71 -3.85
N TYR B 98 -8.94 1.47 -4.29
CA TYR B 98 -7.98 2.54 -4.61
C TYR B 98 -8.42 3.31 -5.86
N GLU B 99 -8.76 2.59 -6.92
CA GLU B 99 -9.14 3.24 -8.19
C GLU B 99 -10.48 3.96 -8.04
N LEU B 100 -11.31 3.48 -7.14
CA LEU B 100 -12.62 4.12 -6.98
C LEU B 100 -12.41 5.57 -6.54
N GLN B 101 -11.47 5.79 -5.65
CA GLN B 101 -11.23 7.17 -5.18
C GLN B 101 -10.72 8.04 -6.33
N MET B 102 -9.80 7.51 -7.14
CA MET B 102 -9.31 8.31 -8.27
C MET B 102 -10.44 8.53 -9.28
N ALA B 103 -11.26 7.52 -9.50
CA ALA B 103 -12.33 7.69 -10.48
C ALA B 103 -13.31 8.78 -10.03
N GLN B 104 -13.64 8.79 -8.74
CA GLN B 104 -14.60 9.77 -8.24
C GLN B 104 -13.98 11.17 -8.27
N MET B 105 -12.68 11.25 -7.98
CA MET B 105 -11.98 12.53 -8.04
C MET B 105 -11.96 13.06 -9.47
N ASN B 106 -11.63 12.19 -10.41
CA ASN B 106 -11.57 12.60 -11.82
C ASN B 106 -12.94 13.04 -12.34
N LYS B 107 -14.00 12.36 -11.92
CA LYS B 107 -15.34 12.76 -12.36
C LYS B 107 -15.72 14.09 -11.69
N HIS B 108 -15.31 14.26 -10.43
CA HIS B 108 -15.63 15.49 -9.72
C HIS B 108 -14.94 16.71 -10.35
N ILE B 109 -13.67 16.57 -10.69
CA ILE B 109 -12.87 17.74 -11.06
C ILE B 109 -13.06 18.09 -12.53
N ALA B 110 -13.53 17.14 -13.34
CA ALA B 110 -13.54 17.39 -14.78
C ALA B 110 -14.67 16.72 -15.56
N GLY B 111 -15.53 15.97 -14.88
CA GLY B 111 -16.65 15.32 -15.54
C GLY B 111 -16.24 14.15 -16.40
N VAL B 112 -15.01 13.69 -16.23
CA VAL B 112 -14.48 12.53 -16.95
C VAL B 112 -14.83 11.23 -16.22
N ASP B 113 -15.42 10.28 -16.93
CA ASP B 113 -15.85 9.05 -16.30
C ASP B 113 -14.80 7.95 -16.43
N THR B 114 -14.94 6.90 -15.62
CA THR B 114 -14.02 5.78 -15.69
C THR B 114 -14.76 4.45 -15.76
N PHE B 115 -14.37 3.65 -16.76
CA PHE B 115 -14.91 2.32 -16.92
C PHE B 115 -13.84 1.30 -16.62
N PHE B 116 -14.16 0.38 -15.73
CA PHE B 116 -13.22 -0.66 -15.34
C PHE B 116 -13.55 -1.98 -16.00
N VAL B 117 -12.53 -2.75 -16.30
CA VAL B 117 -12.76 -4.12 -16.70
C VAL B 117 -12.00 -5.08 -15.82
N ALA B 118 -12.58 -6.25 -15.59
CA ALA B 118 -11.89 -7.26 -14.83
C ALA B 118 -10.78 -7.90 -15.66
N THR B 119 -9.67 -8.15 -14.99
CA THR B 119 -8.55 -8.87 -15.58
C THR B 119 -8.99 -10.22 -16.20
N ALA B 120 -8.34 -10.61 -17.29
CA ALA B 120 -8.54 -11.96 -17.81
C ALA B 120 -7.95 -12.92 -16.78
N PRO B 121 -8.63 -14.04 -16.52
CA PRO B 121 -8.16 -15.02 -15.52
C PRO B 121 -6.68 -15.40 -15.67
N ALA B 122 -6.23 -15.64 -16.90
CA ALA B 122 -4.86 -16.09 -17.16
C ALA B 122 -3.80 -15.07 -16.77
N TYR B 123 -4.18 -13.81 -16.70
CA TYR B 123 -3.17 -12.75 -16.50
C TYR B 123 -3.40 -12.02 -15.18
N SER B 124 -4.15 -12.66 -14.29
CA SER B 124 -4.57 -12.01 -13.06
C SER B 124 -3.37 -11.67 -12.16
N PHE B 125 -2.29 -12.43 -12.30
CA PHE B 125 -1.12 -12.24 -11.41
C PHE B 125 0.01 -11.48 -12.11
N VAL B 126 -0.27 -10.99 -13.30
CA VAL B 126 0.77 -10.29 -14.08
C VAL B 126 0.77 -8.80 -13.80
N SER B 127 1.95 -8.26 -13.54
CA SER B 127 2.18 -6.80 -13.42
C SER B 127 3.55 -6.52 -14.02
N SER B 128 3.73 -5.32 -14.56
CA SER B 128 5.02 -4.94 -15.13
C SER B 128 6.13 -5.10 -14.10
N SER B 129 5.86 -4.62 -12.89
CA SER B 129 6.85 -4.65 -11.81
CA SER B 129 6.86 -4.64 -11.82
C SER B 129 7.26 -6.07 -11.43
N LEU B 130 6.28 -6.95 -11.22
CA LEU B 130 6.62 -8.32 -10.84
C LEU B 130 7.31 -9.08 -11.98
N ALA B 131 6.89 -8.83 -13.23
CA ALA B 131 7.52 -9.51 -14.35
C ALA B 131 8.99 -9.11 -14.46
N LYS B 132 9.28 -7.83 -14.28
CA LYS B 132 10.65 -7.34 -14.34
C LYS B 132 11.49 -7.95 -13.23
N GLU B 133 10.93 -8.00 -12.02
CA GLU B 133 11.65 -8.54 -10.87
C GLU B 133 12.00 -10.00 -11.10
N VAL B 134 11.01 -10.77 -11.56
CA VAL B 134 11.23 -12.17 -11.87
C VAL B 134 12.31 -12.34 -12.95
N ALA B 135 12.19 -11.57 -14.03
CA ALA B 135 13.11 -11.66 -15.17
C ALA B 135 14.54 -11.29 -14.75
N THR B 136 14.65 -10.33 -13.85
CA THR B 136 15.94 -9.85 -13.36
C THR B 136 16.74 -10.99 -12.73
N TYR B 137 16.04 -11.91 -12.07
CA TYR B 137 16.71 -13.04 -11.42
C TYR B 137 16.58 -14.32 -12.21
N GLY B 138 16.29 -14.19 -13.50
CA GLY B 138 16.39 -15.30 -14.41
C GLY B 138 15.14 -16.13 -14.60
N GLY B 139 14.01 -15.65 -14.08
CA GLY B 139 12.74 -16.31 -14.32
C GLY B 139 12.20 -16.09 -15.72
N ASP B 140 11.51 -17.09 -16.25
CA ASP B 140 10.94 -17.04 -17.59
C ASP B 140 9.54 -16.43 -17.56
N VAL B 141 9.43 -15.20 -18.03
CA VAL B 141 8.15 -14.50 -18.08
C VAL B 141 7.62 -14.35 -19.51
N SER B 142 8.19 -15.14 -20.43
CA SER B 142 7.84 -15.01 -21.84
C SER B 142 6.35 -15.21 -22.13
N ALA B 143 5.67 -16.02 -21.31
CA ALA B 143 4.26 -16.32 -21.53
C ALA B 143 3.34 -15.23 -20.99
N LEU B 144 3.95 -14.23 -20.38
CA LEU B 144 3.23 -13.17 -19.69
C LEU B 144 3.34 -11.85 -20.41
N LEU B 145 4.20 -11.80 -21.44
CA LEU B 145 4.50 -10.57 -22.15
C LEU B 145 4.34 -10.77 -23.65
N PRO B 146 3.98 -9.70 -24.37
CA PRO B 146 3.90 -9.93 -25.81
C PRO B 146 5.28 -10.16 -26.41
N ALA B 147 5.30 -10.74 -27.60
CA ALA B 147 6.54 -11.11 -28.27
C ALA B 147 7.47 -9.91 -28.47
N SER B 148 6.90 -8.75 -28.76
CA SER B 148 7.73 -7.59 -29.06
C SER B 148 8.42 -7.02 -27.83
N VAL B 149 8.11 -7.59 -26.67
CA VAL B 149 8.64 -7.05 -25.43
C VAL B 149 9.80 -7.88 -24.91
N HIS B 150 9.66 -9.20 -24.94
CA HIS B 150 10.59 -10.03 -24.18
C HIS B 150 11.96 -9.99 -24.82
N GLN B 151 11.99 -9.79 -26.13
CA GLN B 151 13.25 -9.62 -26.85
C GLN B 151 13.99 -8.38 -26.34
N ARG B 152 13.29 -7.26 -26.22
CA ARG B 152 13.89 -6.02 -25.73
C ARG B 152 14.25 -6.13 -24.26
N LEU B 153 13.47 -6.95 -23.54
CA LEU B 153 13.70 -7.17 -22.11
C LEU B 153 15.01 -7.93 -21.89
N LEU B 154 15.30 -8.91 -22.76
CA LEU B 154 16.60 -9.59 -22.74
C LEU B 154 17.74 -8.60 -22.84
N GLY B 155 17.64 -7.69 -23.80
CA GLY B 155 18.70 -6.72 -24.04
C GLY B 155 18.95 -5.85 -22.83
N LYS B 156 17.89 -5.36 -22.20
CA LYS B 156 18.06 -4.45 -21.05
C LYS B 156 18.69 -5.19 -19.87
N LEU B 157 18.39 -6.46 -19.69
CA LEU B 157 18.94 -7.18 -18.53
C LEU B 157 20.41 -7.51 -18.73
N ARG B 158 20.86 -7.67 -19.96
CA ARG B 158 22.24 -8.11 -20.18
C ARG B 158 23.23 -6.96 -19.97
N MET C 2 8.75 -38.04 2.75
CA MET C 2 9.76 -37.00 2.79
C MET C 2 9.20 -35.65 2.33
N THR C 3 8.18 -35.18 3.04
CA THR C 3 7.54 -33.91 2.74
C THR C 3 8.36 -32.74 3.26
N GLY C 4 8.15 -31.55 2.70
CA GLY C 4 8.86 -30.38 3.18
C GLY C 4 8.32 -29.06 2.68
N ALA C 5 8.62 -28.00 3.45
CA ALA C 5 8.18 -26.65 3.06
C ALA C 5 9.19 -25.58 3.49
N VAL C 6 9.17 -24.46 2.76
CA VAL C 6 10.04 -23.29 3.06
C VAL C 6 9.17 -22.15 3.60
N CYS C 7 9.60 -21.52 4.68
CA CYS C 7 8.91 -20.37 5.28
C CYS C 7 9.78 -19.15 5.03
N PRO C 8 9.49 -18.34 4.00
CA PRO C 8 10.31 -17.19 3.69
C PRO C 8 9.89 -15.89 4.35
N GLY C 9 10.82 -14.96 4.43
CA GLY C 9 10.54 -13.65 5.00
C GLY C 9 11.79 -12.85 5.22
N SER C 10 11.64 -11.59 5.63
CA SER C 10 12.77 -10.77 6.04
C SER C 10 13.05 -10.97 7.52
N PHE C 11 11.99 -11.19 8.30
CA PHE C 11 12.09 -11.52 9.72
C PHE C 11 13.00 -10.54 10.49
N ASP C 12 12.63 -9.26 10.51
CA ASP C 12 13.49 -8.22 11.08
C ASP C 12 12.85 -7.36 12.18
N PRO C 13 12.77 -7.90 13.40
CA PRO C 13 13.18 -9.26 13.76
C PRO C 13 12.06 -10.26 13.53
N VAL C 14 12.24 -11.46 14.04
CA VAL C 14 11.21 -12.48 14.00
C VAL C 14 10.25 -12.21 15.15
N THR C 15 8.95 -12.32 14.86
CA THR C 15 7.92 -12.08 15.88
C THR C 15 7.31 -13.40 16.32
N LEU C 16 6.48 -13.35 17.36
CA LEU C 16 5.78 -14.54 17.84
C LEU C 16 4.80 -14.99 16.75
N GLY C 17 4.36 -14.04 15.94
CA GLY C 17 3.50 -14.36 14.82
C GLY C 17 4.20 -15.27 13.83
N HIS C 18 5.43 -14.93 13.49
CA HIS C 18 6.26 -15.76 12.63
C HIS C 18 6.53 -17.11 13.30
N LEU C 19 6.92 -17.07 14.57
CA LEU C 19 7.20 -18.30 15.31
C LEU C 19 6.00 -19.25 15.30
N ASP C 20 4.79 -18.70 15.41
CA ASP C 20 3.58 -19.50 15.41
C ASP C 20 3.43 -20.22 14.07
N VAL C 21 3.76 -19.53 12.99
CA VAL C 21 3.67 -20.14 11.67
C VAL C 21 4.73 -21.25 11.51
N PHE C 22 5.96 -20.98 11.98
CA PHE C 22 7.03 -21.97 11.97
C PHE C 22 6.58 -23.26 12.67
N GLU C 23 6.02 -23.10 13.87
CA GLU C 23 5.56 -24.24 14.67
C GLU C 23 4.50 -25.06 13.95
N ARG C 24 3.56 -24.36 13.32
CA ARG C 24 2.46 -25.02 12.64
C ARG C 24 2.92 -25.72 11.37
N ALA C 25 3.89 -25.12 10.68
CA ALA C 25 4.47 -25.74 9.50
C ALA C 25 5.28 -26.99 9.87
N ALA C 26 6.06 -26.90 10.95
CA ALA C 26 6.87 -28.02 11.39
C ALA C 26 6.00 -29.20 11.83
N ALA C 27 4.78 -28.89 12.26
CA ALA C 27 3.86 -29.92 12.72
C ALA C 27 3.22 -30.70 11.57
N GLN C 28 3.28 -30.17 10.35
CA GLN C 28 2.60 -30.82 9.23
C GLN C 28 3.52 -31.25 8.09
N PHE C 29 4.78 -30.85 8.14
CA PHE C 29 5.75 -31.24 7.13
C PHE C 29 6.98 -31.87 7.81
N ASP C 30 7.56 -32.89 7.16
CA ASP C 30 8.68 -33.62 7.74
C ASP C 30 9.87 -32.70 7.94
N GLU C 31 10.01 -31.73 7.03
CA GLU C 31 11.13 -30.81 7.03
C GLU C 31 10.65 -29.37 6.74
N VAL C 32 11.10 -28.43 7.56
CA VAL C 32 10.82 -27.02 7.30
C VAL C 32 12.11 -26.24 7.22
N ILE C 33 12.27 -25.43 6.17
CA ILE C 33 13.40 -24.50 6.11
C ILE C 33 12.92 -23.05 6.18
N VAL C 34 13.47 -22.29 7.13
CA VAL C 34 13.17 -20.88 7.21
C VAL C 34 14.17 -20.13 6.33
N ALA C 35 13.64 -19.39 5.36
CA ALA C 35 14.50 -18.64 4.45
C ALA C 35 14.50 -17.16 4.78
N VAL C 36 15.63 -16.66 5.28
CA VAL C 36 15.81 -15.24 5.51
C VAL C 36 16.30 -14.57 4.24
N LEU C 37 15.42 -13.83 3.58
CA LEU C 37 15.74 -13.21 2.30
C LEU C 37 16.42 -11.87 2.52
N ILE C 38 17.66 -11.76 2.05
CA ILE C 38 18.45 -10.54 2.21
C ILE C 38 18.05 -9.52 1.15
N ASN C 39 17.45 -8.42 1.59
CA ASN C 39 16.97 -7.39 0.68
C ASN C 39 17.94 -6.21 0.59
N ALA C 43 15.20 -1.61 3.53
CA ALA C 43 15.07 -1.43 4.97
C ALA C 43 15.83 -2.51 5.75
N GLY C 44 16.15 -2.23 7.02
CA GLY C 44 16.82 -3.22 7.83
C GLY C 44 17.35 -2.74 9.17
N MET C 45 16.96 -3.43 10.24
CA MET C 45 17.44 -3.10 11.57
C MET C 45 18.51 -4.10 12.06
N PHE C 46 18.25 -5.39 11.88
CA PHE C 46 19.21 -6.44 12.27
C PHE C 46 20.01 -6.96 11.10
N THR C 47 21.22 -7.46 11.38
CA THR C 47 22.01 -8.12 10.35
C THR C 47 21.37 -9.45 9.97
N VAL C 48 21.51 -9.84 8.70
CA VAL C 48 21.05 -11.14 8.23
C VAL C 48 21.50 -12.25 9.18
N ASP C 49 22.73 -12.12 9.69
CA ASP C 49 23.27 -13.12 10.60
C ASP C 49 22.59 -13.10 11.96
N GLU C 50 22.22 -11.91 12.44
CA GLU C 50 21.51 -11.80 13.72
C GLU C 50 20.08 -12.30 13.58
N ARG C 51 19.44 -11.94 12.47
CA ARG C 51 18.10 -12.44 12.14
C ARG C 51 18.09 -13.95 12.20
N ILE C 52 18.97 -14.57 11.41
CA ILE C 52 19.17 -16.00 11.42
C ILE C 52 19.43 -16.47 12.85
N GLU C 53 20.35 -15.81 13.53
CA GLU C 53 20.65 -16.13 14.92
C GLU C 53 19.38 -16.09 15.76
N MET C 54 18.64 -14.97 15.69
CA MET C 54 17.45 -14.81 16.52
C MET C 54 16.37 -15.85 16.24
N ILE C 55 16.22 -16.24 14.98
CA ILE C 55 15.28 -17.30 14.65
C ILE C 55 15.75 -18.64 15.21
N ARG C 56 17.06 -18.89 15.15
CA ARG C 56 17.60 -20.18 15.60
C ARG C 56 17.32 -20.43 17.09
N GLU C 57 17.46 -19.39 17.92
CA GLU C 57 17.18 -19.50 19.35
C GLU C 57 15.70 -19.71 19.70
N SER C 58 14.81 -19.12 18.90
CA SER C 58 13.37 -19.21 19.16
C SER C 58 12.83 -20.56 18.73
N THR C 59 13.61 -21.28 17.92
CA THR C 59 13.13 -22.49 17.27
C THR C 59 13.81 -23.76 17.79
N ALA C 60 14.55 -23.64 18.88
CA ALA C 60 15.32 -24.75 19.44
C ALA C 60 14.50 -26.03 19.59
N ASP C 61 13.25 -25.89 20.04
CA ASP C 61 12.42 -27.04 20.33
C ASP C 61 11.80 -27.68 19.08
N LEU C 62 12.12 -27.16 17.90
CA LEU C 62 11.60 -27.73 16.66
C LEU C 62 12.69 -28.48 15.90
N PRO C 63 12.71 -29.82 16.03
CA PRO C 63 13.78 -30.66 15.49
C PRO C 63 13.86 -30.69 13.95
N ASN C 64 12.73 -30.52 13.28
CA ASN C 64 12.72 -30.64 11.82
C ASN C 64 12.80 -29.30 11.10
N LEU C 65 13.28 -28.27 11.79
CA LEU C 65 13.38 -26.93 11.23
C LEU C 65 14.82 -26.45 11.19
N ARG C 66 15.23 -25.84 10.07
CA ARG C 66 16.51 -25.13 10.01
C ARG C 66 16.38 -23.76 9.34
N VAL C 67 17.41 -22.93 9.52
CA VAL C 67 17.38 -21.54 9.10
C VAL C 67 18.53 -21.19 8.15
N GLU C 68 18.20 -20.67 6.98
CA GLU C 68 19.22 -20.34 6.01
C GLU C 68 18.94 -18.98 5.37
N SER C 69 19.99 -18.25 5.02
CA SER C 69 19.83 -16.99 4.31
C SER C 69 19.60 -17.28 2.84
N GLY C 70 19.13 -16.29 2.11
CA GLY C 70 18.85 -16.50 0.69
C GLY C 70 19.00 -15.25 -0.16
N GLN C 71 19.31 -15.48 -1.43
CA GLN C 71 19.38 -14.41 -2.41
C GLN C 71 18.63 -14.86 -3.66
N GLY C 72 18.34 -13.92 -4.55
CA GLY C 72 17.67 -14.25 -5.81
C GLY C 72 16.24 -14.72 -5.64
N LEU C 73 15.74 -15.46 -6.62
CA LEU C 73 14.35 -15.92 -6.63
C LEU C 73 14.07 -16.89 -5.50
N LEU C 74 13.00 -16.63 -4.77
CA LEU C 74 12.54 -17.55 -3.75
C LEU C 74 12.31 -18.96 -4.33
N VAL C 75 11.74 -19.04 -5.53
CA VAL C 75 11.46 -20.36 -6.09
C VAL C 75 12.76 -21.13 -6.36
N ASP C 76 13.85 -20.43 -6.62
CA ASP C 76 15.14 -21.09 -6.83
C ASP C 76 15.69 -21.60 -5.51
N PHE C 77 15.55 -20.80 -4.46
CA PHE C 77 15.88 -21.25 -3.11
C PHE C 77 15.14 -22.53 -2.77
N VAL C 78 13.84 -22.55 -3.04
CA VAL C 78 12.98 -23.71 -2.71
C VAL C 78 13.41 -24.93 -3.52
N ARG C 79 13.51 -24.79 -4.82
CA ARG C 79 13.83 -25.94 -5.70
C ARG C 79 15.24 -26.48 -5.48
N GLU C 80 16.19 -25.59 -5.24
CA GLU C 80 17.62 -26.00 -5.05
C GLU C 80 17.75 -26.87 -3.81
N ARG C 81 16.75 -26.87 -2.93
CA ARG C 81 16.79 -27.72 -1.75
C ARG C 81 15.81 -28.90 -1.88
N GLY C 82 15.31 -29.11 -3.09
CA GLY C 82 14.50 -30.27 -3.40
C GLY C 82 13.03 -30.17 -3.06
N LEU C 83 12.60 -28.97 -2.68
CA LEU C 83 11.20 -28.78 -2.27
C LEU C 83 10.39 -28.05 -3.32
N ASN C 84 9.07 -28.05 -3.16
CA ASN C 84 8.23 -27.23 -4.04
C ASN C 84 6.98 -26.72 -3.32
N ALA C 85 7.14 -26.42 -2.03
CA ALA C 85 6.08 -25.76 -1.26
C ALA C 85 6.64 -24.63 -0.41
N ILE C 86 5.84 -23.56 -0.34
CA ILE C 86 6.11 -22.36 0.48
C ILE C 86 4.97 -22.29 1.50
N VAL C 87 5.29 -21.95 2.75
CA VAL C 87 4.24 -21.75 3.76
C VAL C 87 4.36 -20.33 4.29
N LYS C 88 3.25 -19.60 4.27
CA LYS C 88 3.28 -18.20 4.73
C LYS C 88 2.03 -17.92 5.55
N GLY C 89 2.19 -17.06 6.53
CA GLY C 89 1.07 -16.61 7.33
C GLY C 89 0.33 -15.43 6.71
N LEU C 90 -0.98 -15.36 6.95
CA LEU C 90 -1.79 -14.27 6.44
C LEU C 90 -2.60 -13.69 7.58
N ARG C 91 -2.64 -12.36 7.68
CA ARG C 91 -3.49 -11.68 8.67
C ARG C 91 -4.84 -11.23 8.10
N THR C 92 -4.82 -10.70 6.88
CA THR C 92 -5.98 -9.98 6.37
C THR C 92 -6.33 -10.39 4.95
N GLY C 93 -7.53 -10.02 4.50
CA GLY C 93 -7.92 -10.21 3.11
C GLY C 93 -7.01 -9.43 2.18
N THR C 94 -6.59 -8.24 2.59
CA THR C 94 -5.65 -7.44 1.81
C THR C 94 -4.34 -8.18 1.60
N ASP C 95 -3.80 -8.77 2.67
CA ASP C 95 -2.62 -9.65 2.57
C ASP C 95 -2.87 -10.75 1.53
N PHE C 96 -4.01 -11.39 1.63
CA PHE C 96 -4.28 -12.51 0.70
C PHE C 96 -4.22 -12.04 -0.75
N GLU C 97 -4.88 -10.93 -1.05
CA GLU C 97 -4.93 -10.44 -2.45
C GLU C 97 -3.53 -10.16 -2.97
N TYR C 98 -2.68 -9.58 -2.15
CA TYR C 98 -1.27 -9.31 -2.52
C TYR C 98 -0.53 -10.63 -2.70
N GLU C 99 -0.63 -11.51 -1.71
CA GLU C 99 0.11 -12.78 -1.74
C GLU C 99 -0.39 -13.72 -2.83
N LEU C 100 -1.66 -13.63 -3.18
CA LEU C 100 -2.20 -14.53 -4.22
C LEU C 100 -1.43 -14.34 -5.53
N GLN C 101 -1.13 -13.10 -5.88
CA GLN C 101 -0.43 -12.82 -7.15
C GLN C 101 0.98 -13.41 -7.10
N MET C 102 1.67 -13.26 -5.99
CA MET C 102 3.02 -13.83 -5.89
C MET C 102 2.92 -15.36 -5.90
N ALA C 103 1.89 -15.91 -5.26
CA ALA C 103 1.73 -17.36 -5.22
C ALA C 103 1.53 -17.86 -6.64
N GLN C 104 0.68 -17.17 -7.39
CA GLN C 104 0.38 -17.63 -8.74
C GLN C 104 1.58 -17.45 -9.64
N MET C 105 2.33 -16.37 -9.45
CA MET C 105 3.56 -16.17 -10.24
C MET C 105 4.56 -17.27 -9.94
N ASN C 106 4.78 -17.56 -8.66
CA ASN C 106 5.71 -18.60 -8.26
C ASN C 106 5.33 -19.99 -8.80
N LYS C 107 4.04 -20.28 -8.88
CA LYS C 107 3.61 -21.56 -9.42
C LYS C 107 3.85 -21.57 -10.93
N HIS C 108 3.58 -20.45 -11.58
CA HIS C 108 3.75 -20.35 -13.03
C HIS C 108 5.20 -20.53 -13.47
N ILE C 109 6.13 -19.90 -12.78
CA ILE C 109 7.51 -19.88 -13.26
C ILE C 109 8.31 -21.11 -12.83
N ALA C 110 7.87 -21.81 -11.79
CA ALA C 110 8.70 -22.87 -11.21
C ALA C 110 7.92 -24.07 -10.67
N GLY C 111 6.60 -24.01 -10.73
CA GLY C 111 5.76 -25.08 -10.20
C GLY C 111 5.84 -25.23 -8.69
N VAL C 112 6.26 -24.16 -8.00
CA VAL C 112 6.30 -24.15 -6.53
C VAL C 112 4.95 -23.67 -6.02
N ASP C 113 4.36 -24.46 -5.13
CA ASP C 113 3.05 -24.13 -4.57
C ASP C 113 3.20 -23.33 -3.28
N THR C 114 2.12 -22.67 -2.88
CA THR C 114 2.11 -21.88 -1.64
C THR C 114 0.92 -22.26 -0.79
N PHE C 115 1.18 -22.55 0.48
CA PHE C 115 0.13 -22.83 1.44
C PHE C 115 0.10 -21.69 2.43
N PHE C 116 -1.08 -21.14 2.66
CA PHE C 116 -1.22 -20.03 3.60
C PHE C 116 -1.85 -20.52 4.89
N VAL C 117 -1.47 -19.90 5.97
CA VAL C 117 -2.10 -20.23 7.22
C VAL C 117 -2.61 -18.93 7.86
N ALA C 118 -3.79 -18.98 8.46
CA ALA C 118 -4.34 -17.83 9.16
C ALA C 118 -3.55 -17.51 10.40
N THR C 119 -3.31 -16.24 10.62
CA THR C 119 -2.70 -15.79 11.87
C THR C 119 -3.42 -16.36 13.12
N ALA C 120 -2.66 -16.60 14.18
CA ALA C 120 -3.29 -16.85 15.47
C ALA C 120 -4.00 -15.57 15.87
N PRO C 121 -5.20 -15.68 16.46
CA PRO C 121 -5.98 -14.49 16.85
C PRO C 121 -5.17 -13.52 17.72
N ALA C 122 -4.39 -14.07 18.66
CA ALA C 122 -3.62 -13.25 19.58
C ALA C 122 -2.56 -12.38 18.90
N TYR C 123 -2.10 -12.81 17.74
CA TYR C 123 -1.02 -12.12 17.03
C TYR C 123 -1.51 -11.38 15.78
N SER C 124 -2.81 -11.22 15.67
CA SER C 124 -3.41 -10.58 14.48
C SER C 124 -2.82 -9.21 14.13
N PHE C 125 -2.35 -8.47 15.15
CA PHE C 125 -1.87 -7.09 14.94
C PHE C 125 -0.34 -7.00 15.02
N VAL C 126 0.32 -8.13 15.05
CA VAL C 126 1.80 -8.12 15.22
C VAL C 126 2.48 -8.14 13.87
N SER C 127 3.40 -7.21 13.67
CA SER C 127 4.26 -7.17 12.46
C SER C 127 5.64 -6.70 12.92
N SER C 128 6.67 -7.09 12.20
CA SER C 128 8.02 -6.68 12.56
C SER C 128 8.14 -5.16 12.58
N SER C 129 7.60 -4.53 11.55
CA SER C 129 7.65 -3.08 11.40
CA SER C 129 7.69 -3.08 11.42
C SER C 129 6.96 -2.35 12.54
N LEU C 130 5.71 -2.74 12.80
CA LEU C 130 4.96 -2.07 13.86
C LEU C 130 5.62 -2.27 15.22
N ALA C 131 6.12 -3.48 15.49
CA ALA C 131 6.76 -3.76 16.78
C ALA C 131 8.01 -2.90 16.98
N LYS C 132 8.73 -2.64 15.89
CA LYS C 132 9.91 -1.79 15.92
C LYS C 132 9.52 -0.34 16.19
N GLU C 133 8.56 0.14 15.41
CA GLU C 133 8.07 1.51 15.51
C GLU C 133 7.61 1.84 16.93
N VAL C 134 6.88 0.92 17.54
CA VAL C 134 6.41 1.12 18.90
C VAL C 134 7.54 1.02 19.94
N ALA C 135 8.49 0.11 19.72
CA ALA C 135 9.62 -0.04 20.63
C ALA C 135 10.57 1.16 20.52
N THR C 136 10.63 1.73 19.32
CA THR C 136 11.41 2.93 19.06
C THR C 136 10.99 4.10 19.95
N TYR C 137 9.68 4.28 20.11
CA TYR C 137 9.17 5.38 20.91
C TYR C 137 8.84 4.95 22.33
N GLY C 138 9.38 3.81 22.75
CA GLY C 138 9.30 3.39 24.13
C GLY C 138 8.16 2.46 24.54
N GLY C 139 7.44 1.92 23.57
CA GLY C 139 6.32 1.04 23.89
C GLY C 139 6.76 -0.37 24.22
N ASP C 140 5.99 -1.03 25.07
CA ASP C 140 6.32 -2.37 25.54
C ASP C 140 5.80 -3.44 24.58
N VAL C 141 6.71 -4.09 23.86
CA VAL C 141 6.36 -5.13 22.92
C VAL C 141 6.75 -6.52 23.42
N SER C 142 7.11 -6.60 24.70
CA SER C 142 7.46 -7.83 25.39
C SER C 142 6.60 -9.05 25.02
N ALA C 143 5.27 -8.93 25.16
CA ALA C 143 4.36 -10.05 24.98
C ALA C 143 4.22 -10.46 23.51
N LEU C 144 4.90 -9.76 22.61
CA LEU C 144 4.71 -9.97 21.16
C LEU C 144 5.93 -10.61 20.49
N LEU C 145 7.06 -10.59 21.18
CA LEU C 145 8.32 -11.07 20.62
C LEU C 145 8.90 -12.20 21.45
N PRO C 146 9.72 -13.06 20.83
CA PRO C 146 10.38 -14.10 21.63
C PRO C 146 11.32 -13.47 22.65
N ALA C 147 11.48 -14.11 23.82
CA ALA C 147 12.36 -13.63 24.86
C ALA C 147 13.76 -13.36 24.30
N SER C 148 14.19 -14.25 23.41
CA SER C 148 15.46 -14.11 22.69
C SER C 148 15.55 -12.72 22.10
N VAL C 149 14.66 -12.45 21.15
CA VAL C 149 14.67 -11.15 20.42
C VAL C 149 14.42 -10.00 21.39
N HIS C 150 13.55 -10.17 22.38
CA HIS C 150 13.21 -9.01 23.24
C HIS C 150 14.44 -8.34 23.85
N GLN C 151 15.40 -9.12 24.35
CA GLN C 151 16.59 -8.48 24.97
C GLN C 151 17.45 -7.80 23.90
N ARG C 152 17.66 -8.45 22.75
CA ARG C 152 18.49 -7.95 21.69
C ARG C 152 17.87 -6.71 21.06
N LEU C 153 16.55 -6.61 21.22
CA LEU C 153 15.85 -5.42 20.70
C LEU C 153 16.14 -4.25 21.64
N LEU C 154 15.97 -4.47 22.94
CA LEU C 154 16.21 -3.43 23.96
C LEU C 154 17.65 -2.93 23.86
N GLY C 155 18.60 -3.86 23.70
CA GLY C 155 20.01 -3.49 23.58
C GLY C 155 20.32 -2.95 22.20
N LYS C 156 19.46 -3.20 21.21
CA LYS C 156 19.79 -2.64 19.88
C LYS C 156 19.40 -1.16 19.90
N LEU C 157 18.42 -0.79 20.72
CA LEU C 157 17.92 0.61 20.80
C LEU C 157 18.66 1.36 21.91
N ARG C 158 19.34 0.64 22.81
CA ARG C 158 20.16 1.33 23.85
C ARG C 158 21.63 1.22 23.44
#